data_1BVJ
#
_entry.id   1BVJ
#
_cell.length_a   1.000
_cell.length_b   1.000
_cell.length_c   1.000
_cell.angle_alpha   90.00
_cell.angle_beta   90.00
_cell.angle_gamma   90.00
#
_symmetry.space_group_name_H-M   'P 1'
#
_entity_poly.entity_id   1
_entity_poly.type   'polyribonucleotide'
_entity_poly.pdbx_seq_one_letter_code
;GGCGACGGUGUAAAAAUCUCGCC
;
_entity_poly.pdbx_strand_id   A
#